data_2QGI
#
_entry.id   2QGI
#
_cell.length_a   123.370
_cell.length_b   89.928
_cell.length_c   69.572
_cell.angle_alpha   90.00
_cell.angle_beta   90.00
_cell.angle_gamma   90.00
#
_symmetry.space_group_name_H-M   'P 21 21 2'
#
loop_
_entity.id
_entity.type
_entity.pdbx_description
1 polymer 'ATP synthase subunits region ORF 6'
2 non-polymer 'MANGANESE (II) ION'
3 non-polymer "URIDINE-5'-DIPHOSPHATE"
4 water water
#
_entity_poly.entity_id   1
_entity_poly.type   'polypeptide(L)'
_entity_poly.pdbx_seq_one_letter_code
;KPVPTYVQDKDESTLMFSVCSLVRDQAKYDRLLESFERFGFTPDKAEFLAADNREGNQFHGFSWHKQMLPRCKGRYVIFC
HEDVELVDRGYDDLVAAIEALEEADPKWLVAGVAGSPWRPLNHSVTAQALHISDVFGNDRRRGNVPCRVESLDECFLLMR
RLKPVLNSYDMQGFHYYGADLCLQAEFLGGRAYAIDFHLHHYGRAIADENFHRLRQEMAQKYRRWFPGRILHCVTGRVAL
GGGWYEAR
;
_entity_poly.pdbx_strand_id   A,B
#
# COMPACT_ATOMS: atom_id res chain seq x y z
N LYS A 1 19.78 17.82 -19.72
CA LYS A 1 19.44 16.92 -20.85
C LYS A 1 18.22 15.98 -20.62
N PRO A 2 18.00 15.35 -19.40
CA PRO A 2 16.77 14.50 -19.40
C PRO A 2 15.51 15.30 -19.65
N VAL A 3 14.51 14.70 -20.26
CA VAL A 3 13.21 15.37 -20.41
C VAL A 3 12.23 14.71 -19.43
N PRO A 4 11.87 15.43 -18.34
CA PRO A 4 10.95 14.83 -17.35
C PRO A 4 9.47 14.91 -17.77
N THR A 5 8.66 14.04 -17.25
CA THR A 5 7.22 14.10 -17.33
C THR A 5 6.70 14.78 -16.08
N TYR A 6 6.01 15.89 -16.27
CA TYR A 6 5.32 16.55 -15.15
C TYR A 6 3.94 15.96 -14.88
N VAL A 7 3.69 15.54 -13.67
CA VAL A 7 2.42 14.86 -13.32
C VAL A 7 1.55 15.75 -12.48
N GLN A 8 0.29 15.95 -12.92
CA GLN A 8 -0.67 16.76 -12.19
C GLN A 8 -1.60 15.86 -11.36
N ASP A 9 -2.27 16.47 -10.37
CA ASP A 9 -3.24 15.75 -9.48
C ASP A 9 -4.60 15.66 -10.17
N LYS A 10 -4.70 14.75 -11.10
CA LYS A 10 -5.89 14.66 -11.94
C LYS A 10 -6.15 13.18 -12.26
N ASP A 11 -7.41 12.85 -12.32
CA ASP A 11 -7.83 11.47 -12.58
C ASP A 11 -8.07 11.44 -14.06
N GLU A 12 -7.15 10.84 -14.76
CA GLU A 12 -7.25 10.92 -16.19
C GLU A 12 -7.85 9.64 -16.78
N SER A 13 -8.31 8.72 -15.92
CA SER A 13 -9.01 7.54 -16.44
C SER A 13 -10.18 7.95 -17.34
N THR A 14 -10.42 7.13 -18.37
CA THR A 14 -11.68 7.21 -19.13
C THR A 14 -12.56 5.97 -18.89
N LEU A 15 -11.93 4.80 -18.52
CA LEU A 15 -12.76 3.62 -18.13
C LEU A 15 -13.19 3.72 -16.67
N MET A 16 -14.43 3.37 -16.39
CA MET A 16 -14.90 3.41 -15.02
C MET A 16 -14.29 2.26 -14.22
N PHE A 17 -14.23 1.07 -14.82
CA PHE A 17 -13.75 -0.10 -14.05
C PHE A 17 -12.69 -0.90 -14.74
N SER A 18 -11.72 -1.35 -13.91
CA SER A 18 -10.81 -2.44 -14.30
C SER A 18 -11.25 -3.63 -13.51
N VAL A 19 -11.75 -4.68 -14.19
CA VAL A 19 -12.31 -5.83 -13.49
C VAL A 19 -11.25 -6.91 -13.52
N CYS A 20 -10.62 -7.13 -12.36
CA CYS A 20 -9.48 -8.09 -12.27
C CYS A 20 -9.95 -9.36 -11.54
N SER A 21 -9.61 -10.52 -12.12
CA SER A 21 -10.02 -11.77 -11.46
C SER A 21 -8.88 -12.74 -11.33
N LEU A 22 -8.99 -13.62 -10.31
CA LEU A 22 -7.94 -14.62 -10.02
C LEU A 22 -8.46 -15.89 -10.72
N VAL A 23 -7.86 -16.24 -11.85
CA VAL A 23 -8.51 -17.25 -12.72
C VAL A 23 -7.75 -18.60 -12.78
N ARG A 24 -8.48 -19.69 -12.46
CA ARG A 24 -7.95 -21.09 -12.59
C ARG A 24 -8.80 -21.86 -13.62
N ASP A 25 -10.12 -21.59 -13.67
CA ASP A 25 -11.07 -22.39 -14.46
C ASP A 25 -11.61 -21.51 -15.58
N GLN A 26 -11.22 -21.83 -16.80
CA GLN A 26 -11.67 -21.03 -17.95
C GLN A 26 -13.19 -20.96 -18.08
N ALA A 27 -13.87 -22.06 -17.80
CA ALA A 27 -15.33 -22.11 -18.00
C ALA A 27 -16.02 -21.16 -16.99
N LYS A 28 -15.55 -21.18 -15.74
CA LYS A 28 -16.16 -20.25 -14.75
C LYS A 28 -15.89 -18.80 -15.16
N TYR A 29 -14.66 -18.55 -15.58
CA TYR A 29 -14.31 -17.15 -15.92
C TYR A 29 -15.09 -16.68 -17.16
N ASP A 30 -15.32 -17.57 -18.15
CA ASP A 30 -16.10 -17.14 -19.32
C ASP A 30 -17.57 -16.79 -18.93
N ARG A 31 -18.10 -17.54 -17.98
CA ARG A 31 -19.43 -17.26 -17.41
C ARG A 31 -19.44 -15.86 -16.77
N LEU A 32 -18.37 -15.58 -16.00
CA LEU A 32 -18.27 -14.28 -15.34
C LEU A 32 -18.25 -13.19 -16.43
N LEU A 33 -17.39 -13.32 -17.43
CA LEU A 33 -17.23 -12.24 -18.43
C LEU A 33 -18.54 -11.98 -19.19
N GLU A 34 -19.21 -13.09 -19.57
CA GLU A 34 -20.49 -12.95 -20.28
C GLU A 34 -21.51 -12.18 -19.40
N SER A 35 -21.53 -12.50 -18.10
CA SER A 35 -22.53 -11.87 -17.22
C SER A 35 -22.20 -10.38 -17.01
N PHE A 36 -20.91 -10.03 -16.90
CA PHE A 36 -20.58 -8.63 -16.72
C PHE A 36 -20.97 -7.81 -17.96
N GLU A 37 -20.67 -8.34 -19.16
CA GLU A 37 -21.02 -7.58 -20.34
C GLU A 37 -22.56 -7.47 -20.47
N ARG A 38 -23.28 -8.51 -20.09
CA ARG A 38 -24.77 -8.53 -20.21
C ARG A 38 -25.36 -7.47 -19.29
N PHE A 39 -24.70 -7.27 -18.11
CA PHE A 39 -25.19 -6.30 -17.11
C PHE A 39 -24.44 -4.95 -17.15
N GLY A 40 -23.98 -4.58 -18.36
CA GLY A 40 -23.60 -3.18 -18.62
C GLY A 40 -22.14 -2.85 -18.56
N PHE A 41 -21.26 -3.85 -18.31
CA PHE A 41 -19.82 -3.60 -18.30
C PHE A 41 -19.24 -3.79 -19.71
N THR A 42 -19.61 -2.85 -20.59
CA THR A 42 -19.27 -2.91 -21.99
C THR A 42 -17.89 -2.23 -22.16
N PRO A 43 -17.24 -2.42 -23.35
CA PRO A 43 -15.85 -1.98 -23.54
C PRO A 43 -15.58 -0.49 -23.35
N ASP A 44 -16.60 0.35 -23.48
CA ASP A 44 -16.43 1.78 -23.22
C ASP A 44 -16.49 2.14 -21.72
N LYS A 45 -16.87 1.15 -20.93
CA LYS A 45 -17.02 1.37 -19.46
C LYS A 45 -16.02 0.54 -18.64
N ALA A 46 -15.56 -0.59 -19.20
CA ALA A 46 -14.75 -1.54 -18.41
C ALA A 46 -13.76 -2.31 -19.21
N GLU A 47 -12.65 -2.65 -18.58
CA GLU A 47 -11.66 -3.61 -19.16
C GLU A 47 -11.55 -4.79 -18.18
N PHE A 48 -11.11 -5.94 -18.71
CA PHE A 48 -11.05 -7.16 -17.86
C PHE A 48 -9.62 -7.67 -17.85
N LEU A 49 -9.09 -7.99 -16.66
CA LEU A 49 -7.74 -8.53 -16.56
C LEU A 49 -7.78 -9.75 -15.68
N ALA A 50 -6.95 -10.77 -16.01
CA ALA A 50 -7.03 -12.00 -15.20
C ALA A 50 -5.59 -12.34 -14.70
N ALA A 51 -5.41 -12.57 -13.41
CA ALA A 51 -4.17 -13.08 -12.85
C ALA A 51 -4.21 -14.57 -13.28
N ASP A 52 -3.22 -15.01 -14.06
CA ASP A 52 -3.42 -16.29 -14.76
C ASP A 52 -2.93 -17.47 -13.91
N ASN A 53 -3.89 -18.03 -13.17
CA ASN A 53 -3.62 -19.25 -12.38
C ASN A 53 -4.13 -20.55 -13.09
N ARG A 54 -4.24 -20.51 -14.41
CA ARG A 54 -4.90 -21.64 -15.13
C ARG A 54 -4.00 -22.86 -15.11
N GLU A 55 -2.69 -22.61 -15.12
CA GLU A 55 -1.71 -23.76 -15.14
C GLU A 55 -1.05 -24.02 -13.84
N GLY A 56 -1.32 -23.25 -12.80
CA GLY A 56 -0.68 -23.46 -11.52
C GLY A 56 -0.92 -22.21 -10.72
N ASN A 57 -0.43 -22.22 -9.49
CA ASN A 57 -0.62 -21.10 -8.60
C ASN A 57 0.47 -20.07 -8.78
N GLN A 58 0.45 -19.40 -9.92
CA GLN A 58 1.41 -18.34 -10.21
C GLN A 58 1.26 -17.22 -9.18
N PHE A 59 0.01 -16.96 -8.81
CA PHE A 59 -0.34 -15.89 -7.83
C PHE A 59 -1.15 -16.54 -6.69
N HIS A 60 -1.21 -15.81 -5.57
CA HIS A 60 -2.11 -16.25 -4.46
C HIS A 60 -2.82 -14.99 -3.96
N GLY A 61 -3.73 -15.16 -2.98
CA GLY A 61 -4.61 -14.05 -2.60
C GLY A 61 -3.92 -12.77 -2.13
N PHE A 62 -2.69 -12.94 -1.54
CA PHE A 62 -1.98 -11.79 -0.99
C PHE A 62 -1.01 -11.10 -1.97
N SER A 63 -0.77 -11.75 -3.12
CA SER A 63 0.25 -11.19 -4.05
C SER A 63 -0.40 -10.72 -5.35
N TRP A 64 -1.57 -11.27 -5.75
CA TRP A 64 -2.02 -10.94 -7.12
C TRP A 64 -2.22 -9.46 -7.42
N HIS A 65 -2.70 -8.66 -6.48
CA HIS A 65 -2.98 -7.25 -6.86
C HIS A 65 -1.70 -6.47 -7.27
N LYS A 66 -0.57 -6.79 -6.64
CA LYS A 66 0.68 -5.99 -6.93
C LYS A 66 1.06 -6.04 -8.41
N GLN A 67 0.78 -7.17 -9.06
CA GLN A 67 0.97 -7.28 -10.50
C GLN A 67 -0.19 -6.71 -11.40
N MET A 68 -1.40 -6.73 -10.85
CA MET A 68 -2.54 -6.28 -11.61
C MET A 68 -2.66 -4.77 -11.64
N LEU A 69 -2.48 -4.16 -10.46
CA LEU A 69 -2.68 -2.71 -10.37
C LEU A 69 -1.92 -1.91 -11.45
N PRO A 70 -0.64 -2.18 -11.66
CA PRO A 70 0.10 -1.34 -12.62
C PRO A 70 -0.49 -1.37 -14.06
N ARG A 71 -1.28 -2.40 -14.37
CA ARG A 71 -1.83 -2.60 -15.67
C ARG A 71 -3.24 -2.03 -15.81
N CYS A 72 -3.82 -1.58 -14.69
CA CYS A 72 -5.21 -1.10 -14.71
C CYS A 72 -5.23 0.36 -15.14
N LYS A 73 -6.27 0.67 -15.89
CA LYS A 73 -6.48 2.05 -16.37
C LYS A 73 -7.79 2.63 -15.86
N GLY A 74 -8.61 1.82 -15.18
CA GLY A 74 -9.95 2.28 -14.76
C GLY A 74 -9.93 3.13 -13.48
N ARG A 75 -11.03 3.86 -13.24
CA ARG A 75 -11.12 4.65 -12.05
C ARG A 75 -11.18 3.77 -10.80
N TYR A 76 -12.01 2.70 -10.88
CA TYR A 76 -12.14 1.76 -9.76
C TYR A 76 -11.63 0.44 -10.20
N VAL A 77 -10.94 -0.28 -9.28
CA VAL A 77 -10.39 -1.56 -9.63
C VAL A 77 -11.14 -2.60 -8.79
N ILE A 78 -11.81 -3.54 -9.49
CA ILE A 78 -12.50 -4.64 -8.82
C ILE A 78 -11.53 -5.82 -8.81
N PHE A 79 -11.43 -6.48 -7.66
CA PHE A 79 -10.65 -7.73 -7.51
C PHE A 79 -11.69 -8.76 -7.12
N CYS A 80 -12.01 -9.68 -8.05
CA CYS A 80 -13.09 -10.62 -7.72
C CYS A 80 -12.63 -12.07 -8.07
N HIS A 81 -13.34 -13.05 -7.50
CA HIS A 81 -13.10 -14.45 -7.88
C HIS A 81 -13.64 -14.70 -9.27
N GLU A 82 -13.18 -15.81 -9.88
CA GLU A 82 -13.67 -16.21 -11.21
C GLU A 82 -15.10 -16.74 -11.20
N ASP A 83 -15.61 -17.03 -9.98
CA ASP A 83 -16.90 -17.73 -9.84
C ASP A 83 -17.96 -16.82 -9.25
N VAL A 84 -17.87 -15.52 -9.55
CA VAL A 84 -19.07 -14.63 -9.34
C VAL A 84 -19.67 -14.39 -10.71
N GLU A 85 -20.95 -14.01 -10.69
CA GLU A 85 -21.66 -13.73 -11.97
C GLU A 85 -22.71 -12.68 -11.64
N LEU A 86 -22.81 -11.67 -12.49
CA LEU A 86 -23.89 -10.66 -12.31
C LEU A 86 -25.20 -11.33 -12.83
N VAL A 87 -26.26 -11.02 -12.08
CA VAL A 87 -27.57 -11.67 -12.32
C VAL A 87 -28.71 -10.71 -12.36
N ASP A 88 -28.53 -9.52 -11.76
CA ASP A 88 -29.65 -8.54 -11.76
C ASP A 88 -29.11 -7.15 -11.64
N ARG A 89 -28.39 -6.87 -10.54
CA ARG A 89 -27.69 -5.58 -10.44
C ARG A 89 -26.53 -5.48 -11.38
N GLY A 90 -26.30 -4.29 -11.94
CA GLY A 90 -25.26 -4.15 -12.95
C GLY A 90 -24.47 -2.89 -12.81
N TYR A 91 -23.92 -2.50 -13.96
CA TYR A 91 -22.95 -1.37 -13.99
C TYR A 91 -23.55 -0.10 -13.27
N ASP A 92 -24.76 0.32 -13.67
CA ASP A 92 -25.29 1.59 -13.11
C ASP A 92 -25.51 1.44 -11.65
N ASP A 93 -25.94 0.23 -11.25
CA ASP A 93 -26.17 -0.01 -9.78
C ASP A 93 -24.86 0.15 -8.99
N LEU A 94 -23.80 -0.44 -9.54
CA LEU A 94 -22.51 -0.40 -8.84
C LEU A 94 -21.99 1.01 -8.77
N VAL A 95 -22.06 1.78 -9.87
CA VAL A 95 -21.64 3.17 -9.84
C VAL A 95 -22.44 3.94 -8.82
N ALA A 96 -23.76 3.74 -8.79
CA ALA A 96 -24.56 4.50 -7.85
C ALA A 96 -24.20 4.14 -6.39
N ALA A 97 -23.90 2.87 -6.13
CA ALA A 97 -23.54 2.40 -4.75
C ALA A 97 -22.22 3.08 -4.36
N ILE A 98 -21.24 3.08 -5.27
CA ILE A 98 -19.94 3.65 -4.93
C ILE A 98 -20.05 5.16 -4.73
N GLU A 99 -20.76 5.84 -5.62
CA GLU A 99 -20.90 7.30 -5.47
C GLU A 99 -21.67 7.64 -4.17
N ALA A 100 -22.63 6.82 -3.81
CA ALA A 100 -23.37 7.05 -2.55
C ALA A 100 -22.41 6.86 -1.35
N LEU A 101 -21.51 5.87 -1.48
CA LEU A 101 -20.59 5.64 -0.35
C LEU A 101 -19.61 6.78 -0.20
N GLU A 102 -19.15 7.31 -1.33
CA GLU A 102 -18.22 8.46 -1.34
C GLU A 102 -18.86 9.65 -0.63
N GLU A 103 -20.16 9.70 -0.79
CA GLU A 103 -20.88 10.84 -0.13
C GLU A 103 -21.05 10.55 1.32
N ALA A 104 -21.36 9.39 1.63
CA ALA A 104 -21.66 9.05 3.05
C ALA A 104 -20.38 9.07 3.90
N ASP A 105 -19.30 8.54 3.32
CA ASP A 105 -18.08 8.38 4.08
C ASP A 105 -16.86 8.43 3.19
N PRO A 106 -16.30 9.65 2.93
CA PRO A 106 -15.19 9.74 1.99
C PRO A 106 -13.89 9.10 2.46
N LYS A 107 -13.88 8.61 3.70
CA LYS A 107 -12.71 7.88 4.27
C LYS A 107 -12.67 6.40 3.79
N TRP A 108 -13.73 5.92 3.08
CA TRP A 108 -13.65 4.57 2.58
C TRP A 108 -12.44 4.37 1.67
N LEU A 109 -11.87 3.17 1.74
CA LEU A 109 -10.82 2.77 0.82
C LEU A 109 -11.14 1.44 0.09
N VAL A 110 -11.84 0.53 0.79
CA VAL A 110 -12.13 -0.79 0.16
C VAL A 110 -13.65 -1.02 0.31
N ALA A 111 -14.29 -1.59 -0.70
CA ALA A 111 -15.74 -1.90 -0.56
C ALA A 111 -15.92 -3.31 -1.05
N GLY A 112 -16.86 -4.05 -0.45
CA GLY A 112 -17.16 -5.40 -0.96
C GLY A 112 -18.66 -5.64 -0.77
N VAL A 113 -19.08 -6.88 -1.00
CA VAL A 113 -20.53 -7.19 -0.96
C VAL A 113 -20.93 -8.02 0.30
N ALA A 114 -19.96 -8.48 1.08
CA ALA A 114 -20.25 -9.33 2.23
C ALA A 114 -19.08 -9.23 3.17
N GLY A 115 -19.36 -9.07 4.44
CA GLY A 115 -18.20 -8.92 5.39
C GLY A 115 -18.77 -8.93 6.81
N SER A 116 -17.96 -8.47 7.75
CA SER A 116 -18.42 -8.44 9.17
C SER A 116 -18.37 -7.01 9.65
N PRO A 117 -19.46 -6.49 10.26
CA PRO A 117 -19.50 -5.13 10.83
C PRO A 117 -18.28 -4.78 11.68
N TRP A 118 -17.92 -3.50 11.58
CA TRP A 118 -16.72 -3.01 12.32
C TRP A 118 -16.93 -3.03 13.79
N ARG A 119 -15.97 -3.64 14.49
CA ARG A 119 -15.99 -3.72 15.96
C ARG A 119 -17.33 -4.08 16.55
N PRO A 120 -17.78 -5.33 16.34
CA PRO A 120 -19.05 -5.81 16.94
C PRO A 120 -18.94 -5.77 18.52
N LEU A 121 -20.07 -5.42 19.09
CA LEU A 121 -20.20 -5.47 20.60
C LEU A 121 -20.33 -6.91 21.08
N ASN A 122 -21.06 -7.70 20.31
CA ASN A 122 -21.42 -9.05 20.74
C ASN A 122 -20.51 -10.08 20.10
N HIS A 123 -19.54 -10.56 20.87
CA HIS A 123 -18.61 -11.59 20.40
C HIS A 123 -19.09 -12.99 20.61
N SER A 124 -20.34 -13.16 21.05
CA SER A 124 -20.83 -14.50 21.22
C SER A 124 -21.38 -15.12 19.96
N VAL A 125 -21.50 -14.31 18.90
CA VAL A 125 -21.98 -14.82 17.59
C VAL A 125 -21.15 -14.07 16.58
N THR A 126 -21.07 -14.65 15.38
CA THR A 126 -20.23 -14.00 14.37
C THR A 126 -21.06 -12.95 13.68
N ALA A 127 -20.58 -11.73 13.65
CA ALA A 127 -21.28 -10.59 13.02
C ALA A 127 -21.14 -10.71 11.48
N GLN A 128 -22.27 -10.59 10.81
CA GLN A 128 -22.25 -10.63 9.30
C GLN A 128 -23.10 -9.54 8.74
N ALA A 129 -22.65 -8.99 7.61
CA ALA A 129 -23.45 -7.96 6.88
C ALA A 129 -23.23 -8.24 5.39
N LEU A 130 -24.30 -8.63 4.72
CA LEU A 130 -24.15 -8.97 3.31
C LEU A 130 -25.49 -8.99 2.61
N HIS A 131 -25.40 -9.03 1.27
CA HIS A 131 -26.56 -9.29 0.41
C HIS A 131 -26.01 -10.00 -0.81
N ILE A 132 -26.46 -11.25 -1.05
CA ILE A 132 -25.80 -12.02 -2.10
C ILE A 132 -26.69 -13.23 -2.42
N SER A 133 -26.40 -13.89 -3.54
CA SER A 133 -26.94 -15.24 -3.76
C SER A 133 -25.73 -16.16 -3.73
N ASP A 134 -25.77 -17.20 -2.92
CA ASP A 134 -24.62 -18.11 -2.80
C ASP A 134 -25.12 -19.51 -2.41
N VAL A 135 -24.18 -20.39 -1.97
CA VAL A 135 -24.60 -21.78 -1.69
C VAL A 135 -25.50 -21.85 -0.48
N PHE A 136 -25.54 -20.77 0.33
CA PHE A 136 -26.45 -20.75 1.49
C PHE A 136 -27.83 -20.22 1.15
N GLY A 137 -28.04 -19.74 -0.07
CA GLY A 137 -29.38 -19.37 -0.49
C GLY A 137 -29.38 -18.25 -1.51
N ASN A 138 -30.44 -18.18 -2.35
CA ASN A 138 -30.53 -17.08 -3.31
C ASN A 138 -31.14 -15.87 -2.63
N ASP A 139 -30.65 -14.69 -3.03
CA ASP A 139 -31.16 -13.40 -2.61
C ASP A 139 -31.35 -13.40 -1.08
N ARG A 140 -30.21 -13.57 -0.39
CA ARG A 140 -30.25 -13.58 1.06
C ARG A 140 -29.52 -12.38 1.63
N ARG A 141 -29.81 -12.08 2.91
CA ARG A 141 -29.17 -10.95 3.56
C ARG A 141 -28.76 -11.35 4.97
N ARG A 142 -27.70 -10.70 5.48
CA ARG A 142 -27.44 -10.65 6.94
C ARG A 142 -27.20 -9.22 7.25
N GLY A 143 -27.77 -8.78 8.39
CA GLY A 143 -27.41 -7.42 8.82
C GLY A 143 -27.99 -6.39 7.86
N ASN A 144 -27.36 -5.24 7.85
CA ASN A 144 -27.90 -4.19 6.98
C ASN A 144 -26.76 -3.54 6.23
N VAL A 145 -26.82 -3.61 4.93
CA VAL A 145 -25.77 -2.99 4.04
C VAL A 145 -26.42 -1.78 3.39
N PRO A 146 -25.66 -0.73 3.11
CA PRO A 146 -24.20 -0.59 3.33
C PRO A 146 -23.88 -0.32 4.79
N CYS A 147 -22.66 -0.78 5.17
CA CYS A 147 -22.22 -0.50 6.51
C CYS A 147 -20.67 -0.70 6.63
N ARG A 148 -20.10 -0.07 7.63
CA ARG A 148 -18.68 -0.21 7.86
C ARG A 148 -18.37 -1.61 8.32
N VAL A 149 -17.25 -2.16 7.81
CA VAL A 149 -16.84 -3.57 8.25
C VAL A 149 -15.37 -3.62 8.62
N GLU A 150 -15.04 -4.69 9.38
CA GLU A 150 -13.63 -4.91 9.76
C GLU A 150 -13.01 -6.00 8.90
N SER A 151 -13.86 -6.65 8.08
CA SER A 151 -13.33 -7.67 7.13
C SER A 151 -14.33 -7.81 5.94
N LEU A 152 -13.85 -8.36 4.83
CA LEU A 152 -14.72 -8.58 3.64
C LEU A 152 -14.44 -9.97 3.10
N ASP A 153 -15.51 -10.62 2.55
CA ASP A 153 -15.33 -11.86 1.84
C ASP A 153 -14.54 -11.53 0.55
N GLU A 154 -13.62 -12.41 0.20
CA GLU A 154 -12.78 -12.19 -0.95
C GLU A 154 -13.44 -12.34 -2.30
N CYS A 155 -14.72 -12.77 -2.34
CA CYS A 155 -15.30 -13.04 -3.69
C CYS A 155 -15.37 -11.78 -4.56
N PHE A 156 -15.50 -10.60 -3.98
CA PHE A 156 -15.68 -9.35 -4.73
C PHE A 156 -15.32 -8.16 -3.83
N LEU A 157 -14.26 -7.50 -4.20
CA LEU A 157 -14.04 -6.22 -3.62
C LEU A 157 -13.43 -5.19 -4.54
N LEU A 158 -13.37 -3.96 -4.08
CA LEU A 158 -12.96 -2.90 -4.95
C LEU A 158 -12.30 -1.75 -4.20
N MET A 159 -11.43 -1.03 -4.93
CA MET A 159 -10.79 0.16 -4.40
C MET A 159 -10.64 1.11 -5.55
N ARG A 160 -10.39 2.36 -5.20
CA ARG A 160 -10.02 3.36 -6.22
C ARG A 160 -8.58 3.11 -6.71
N ARG A 161 -8.36 3.18 -8.04
CA ARG A 161 -7.01 2.90 -8.58
C ARG A 161 -6.03 3.90 -7.97
N LEU A 162 -6.47 5.16 -7.75
CA LEU A 162 -5.54 6.20 -7.26
C LEU A 162 -5.53 6.27 -5.73
N LYS A 163 -6.34 5.42 -5.06
CA LYS A 163 -6.25 5.37 -3.63
C LYS A 163 -6.24 3.88 -3.20
N PRO A 164 -5.18 3.15 -3.59
CA PRO A 164 -5.15 1.73 -3.32
C PRO A 164 -4.82 1.37 -1.87
N VAL A 165 -5.04 0.09 -1.56
CA VAL A 165 -4.59 -0.48 -0.28
C VAL A 165 -3.91 -1.77 -0.68
N LEU A 166 -2.82 -2.11 0.02
CA LEU A 166 -2.05 -3.35 -0.36
C LEU A 166 -2.26 -4.47 0.69
N ASN A 167 -2.24 -5.72 0.21
CA ASN A 167 -2.14 -6.88 1.10
C ASN A 167 -0.67 -7.06 1.64
N SER A 168 -0.60 -7.71 2.77
CA SER A 168 0.69 -8.03 3.37
C SER A 168 1.60 -8.88 2.47
N TYR A 169 2.92 -8.73 2.76
CA TYR A 169 3.88 -9.53 2.01
C TYR A 169 4.23 -10.82 2.81
N ASP A 170 3.94 -10.84 4.11
CA ASP A 170 4.41 -11.96 4.96
C ASP A 170 3.34 -13.03 5.19
N MET A 171 2.35 -13.08 4.31
CA MET A 171 1.36 -14.21 4.30
C MET A 171 1.15 -14.63 2.87
N GLN A 172 0.96 -15.93 2.71
CA GLN A 172 0.74 -16.50 1.34
C GLN A 172 -0.37 -17.52 1.39
N GLY A 173 -1.27 -17.40 0.39
CA GLY A 173 -2.31 -18.45 0.30
C GLY A 173 -3.63 -17.88 -0.14
N PHE A 174 -4.67 -18.65 0.15
CA PHE A 174 -6.00 -18.44 -0.45
C PHE A 174 -7.09 -18.28 0.65
N HIS A 175 -6.69 -17.69 1.81
CA HIS A 175 -7.65 -17.44 2.90
C HIS A 175 -7.20 -16.18 3.57
N TYR A 176 -8.17 -15.41 4.09
CA TYR A 176 -7.91 -14.23 4.94
C TYR A 176 -7.32 -13.02 4.26
N TYR A 177 -7.20 -13.09 2.94
CA TYR A 177 -6.67 -11.90 2.24
C TYR A 177 -7.70 -10.76 2.16
N GLY A 178 -8.99 -11.04 2.40
CA GLY A 178 -10.01 -9.95 2.46
C GLY A 178 -9.81 -9.23 3.83
N ALA A 179 -9.76 -9.96 4.94
CA ALA A 179 -9.57 -9.33 6.26
C ALA A 179 -8.22 -8.61 6.28
N ASP A 180 -7.15 -9.25 5.79
CA ASP A 180 -5.83 -8.58 5.79
C ASP A 180 -5.96 -7.20 5.08
N LEU A 181 -6.65 -7.15 3.93
CA LEU A 181 -6.75 -5.87 3.18
C LEU A 181 -7.48 -4.83 4.02
N CYS A 182 -8.56 -5.25 4.71
CA CYS A 182 -9.31 -4.30 5.58
C CYS A 182 -8.48 -3.76 6.72
N LEU A 183 -7.67 -4.63 7.34
CA LEU A 183 -6.85 -4.23 8.45
C LEU A 183 -5.79 -3.23 7.96
N GLN A 184 -5.17 -3.52 6.79
CA GLN A 184 -4.14 -2.57 6.27
C GLN A 184 -4.83 -1.23 5.95
N ALA A 185 -6.10 -1.29 5.48
CA ALA A 185 -6.86 0.00 5.21
C ALA A 185 -6.93 0.80 6.50
N GLU A 186 -7.13 0.13 7.65
CA GLU A 186 -7.25 0.86 8.95
C GLU A 186 -5.83 1.47 9.26
N PHE A 187 -4.76 0.67 9.09
CA PHE A 187 -3.39 1.21 9.30
C PHE A 187 -3.13 2.45 8.45
N LEU A 188 -3.64 2.48 7.23
CA LEU A 188 -3.51 3.62 6.33
C LEU A 188 -4.46 4.80 6.64
N GLY A 189 -5.29 4.62 7.65
CA GLY A 189 -6.19 5.71 8.07
C GLY A 189 -7.53 5.75 7.31
N GLY A 190 -7.90 4.64 6.62
CA GLY A 190 -9.18 4.59 5.89
C GLY A 190 -10.05 3.45 6.44
N ARG A 191 -11.12 3.20 5.69
CA ARG A 191 -12.18 2.30 6.16
C ARG A 191 -12.57 1.33 5.09
N ALA A 192 -13.27 0.29 5.55
CA ALA A 192 -13.79 -0.72 4.60
C ALA A 192 -15.30 -0.78 4.81
N TYR A 193 -16.00 -0.98 3.71
CA TYR A 193 -17.48 -1.07 3.76
C TYR A 193 -17.97 -2.29 3.00
N ALA A 194 -19.11 -2.86 3.49
CA ALA A 194 -19.87 -3.79 2.63
C ALA A 194 -20.97 -2.88 2.06
N ILE A 195 -21.07 -2.85 0.74
CA ILE A 195 -22.14 -2.09 0.08
C ILE A 195 -23.25 -3.06 -0.35
N ASP A 196 -24.36 -2.48 -0.85
CA ASP A 196 -25.45 -3.35 -1.29
C ASP A 196 -25.35 -3.46 -2.80
N PHE A 197 -24.76 -4.60 -3.24
CA PHE A 197 -24.60 -4.86 -4.69
C PHE A 197 -24.73 -6.33 -4.89
N HIS A 198 -25.98 -6.77 -5.18
CA HIS A 198 -26.28 -8.18 -5.18
C HIS A 198 -25.78 -8.85 -6.45
N LEU A 199 -25.00 -9.92 -6.23
CA LEU A 199 -24.53 -10.76 -7.33
C LEU A 199 -24.60 -12.20 -6.88
N HIS A 200 -24.19 -13.12 -7.77
CA HIS A 200 -24.20 -14.54 -7.41
C HIS A 200 -22.77 -15.07 -7.28
N HIS A 201 -22.48 -15.69 -6.16
CA HIS A 201 -21.14 -16.25 -5.93
C HIS A 201 -21.35 -17.75 -5.78
N TYR A 202 -20.78 -18.55 -6.70
CA TYR A 202 -20.95 -20.03 -6.66
C TYR A 202 -20.03 -20.83 -5.74
N GLY A 203 -18.95 -20.22 -5.29
CA GLY A 203 -17.92 -20.96 -4.60
C GLY A 203 -18.25 -21.38 -3.18
N ARG A 204 -17.59 -22.45 -2.71
CA ARG A 204 -17.72 -22.94 -1.32
C ARG A 204 -16.41 -22.76 -0.55
N ALA A 205 -16.43 -22.23 0.67
CA ALA A 205 -15.19 -22.15 1.49
C ALA A 205 -14.64 -23.53 1.77
N ILE A 206 -13.33 -23.58 1.92
CA ILE A 206 -12.60 -24.82 2.08
C ILE A 206 -11.95 -24.64 3.45
N ALA A 207 -12.48 -25.27 4.51
CA ALA A 207 -11.86 -25.14 5.83
C ALA A 207 -10.72 -26.15 6.01
N ASP A 208 -9.69 -26.04 5.16
CA ASP A 208 -8.62 -27.07 5.18
C ASP A 208 -7.43 -26.66 6.02
N GLU A 209 -6.30 -27.38 5.89
CA GLU A 209 -5.14 -27.12 6.72
C GLU A 209 -4.64 -25.68 6.46
N ASN A 210 -4.64 -25.25 5.17
CA ASN A 210 -4.19 -23.86 4.88
C ASN A 210 -5.07 -22.83 5.60
N PHE A 211 -6.37 -23.09 5.64
CA PHE A 211 -7.29 -22.17 6.35
C PHE A 211 -6.88 -22.09 7.84
N HIS A 212 -6.73 -23.24 8.48
CA HIS A 212 -6.25 -23.24 9.90
C HIS A 212 -4.90 -22.60 10.10
N ARG A 213 -3.98 -22.86 9.18
CA ARG A 213 -2.65 -22.26 9.25
C ARG A 213 -2.74 -20.71 9.15
N LEU A 214 -3.47 -20.25 8.14
CA LEU A 214 -3.54 -18.77 7.95
C LEU A 214 -4.34 -18.11 9.09
N ARG A 215 -5.32 -18.81 9.62
CA ARG A 215 -6.06 -18.24 10.83
C ARG A 215 -5.04 -18.03 11.94
N GLN A 216 -4.14 -19.01 12.16
CA GLN A 216 -3.15 -18.85 13.21
C GLN A 216 -2.16 -17.73 12.85
N GLU A 217 -1.70 -17.66 11.59
CA GLU A 217 -0.78 -16.61 11.15
C GLU A 217 -1.39 -15.19 11.29
N MET A 218 -2.70 -15.09 10.99
CA MET A 218 -3.40 -13.80 11.14
C MET A 218 -3.41 -13.40 12.62
N ALA A 219 -3.65 -14.38 13.51
CA ALA A 219 -3.69 -14.04 14.94
C ALA A 219 -2.27 -13.66 15.39
N GLN A 220 -1.25 -14.44 15.00
CA GLN A 220 0.15 -14.15 15.43
C GLN A 220 0.63 -12.77 14.94
N LYS A 221 0.22 -12.41 13.70
CA LYS A 221 0.66 -11.15 13.10
C LYS A 221 -0.12 -9.99 13.77
N TYR A 222 -1.44 -10.06 13.75
CA TYR A 222 -2.26 -8.91 14.11
C TYR A 222 -2.38 -8.68 15.62
N ARG A 223 -2.11 -9.72 16.40
CA ARG A 223 -2.16 -9.55 17.84
C ARG A 223 -1.11 -8.57 18.34
N ARG A 224 -0.09 -8.43 17.54
CA ARG A 224 1.03 -7.46 17.90
C ARG A 224 0.49 -5.99 18.01
N TRP A 225 -0.54 -5.68 17.21
CA TRP A 225 -1.06 -4.32 17.13
C TRP A 225 -2.50 -4.16 17.61
N PHE A 226 -3.22 -5.29 17.62
CA PHE A 226 -4.60 -5.31 18.12
C PHE A 226 -4.74 -6.34 19.24
N PRO A 227 -4.00 -6.20 20.35
CA PRO A 227 -4.06 -7.21 21.42
C PRO A 227 -5.43 -7.33 22.03
N GLY A 228 -5.92 -8.56 22.15
CA GLY A 228 -7.19 -8.81 22.81
C GLY A 228 -8.41 -8.79 21.86
N ARG A 229 -8.16 -8.26 20.67
CA ARG A 229 -9.30 -8.06 19.70
C ARG A 229 -9.87 -9.44 19.28
N ILE A 230 -11.19 -9.46 19.13
CA ILE A 230 -11.85 -10.62 18.44
C ILE A 230 -12.27 -10.09 17.06
N LEU A 231 -11.61 -10.65 16.04
CA LEU A 231 -11.84 -10.20 14.66
C LEU A 231 -12.93 -11.07 14.05
N HIS A 232 -14.02 -10.43 13.60
CA HIS A 232 -15.08 -11.19 12.94
C HIS A 232 -14.82 -11.25 11.42
N CYS A 233 -15.03 -12.45 10.86
CA CYS A 233 -15.02 -12.66 9.39
C CYS A 233 -16.25 -13.51 9.11
N VAL A 234 -16.73 -13.46 7.86
CA VAL A 234 -17.88 -14.36 7.48
C VAL A 234 -17.55 -15.86 7.73
N THR A 235 -16.27 -16.21 7.73
CA THR A 235 -15.82 -17.61 7.97
C THR A 235 -15.74 -17.94 9.49
N GLY A 236 -16.00 -16.94 10.36
CA GLY A 236 -15.92 -17.18 11.82
C GLY A 236 -15.12 -16.11 12.54
N ARG A 237 -15.32 -16.05 13.87
CA ARG A 237 -14.55 -15.13 14.72
C ARG A 237 -13.13 -15.69 14.92
N VAL A 238 -12.16 -14.77 15.07
CA VAL A 238 -10.78 -15.10 15.33
C VAL A 238 -10.35 -14.28 16.56
N ALA A 239 -10.12 -14.98 17.67
CA ALA A 239 -9.61 -14.27 18.87
C ALA A 239 -8.13 -14.09 18.62
N LEU A 240 -7.67 -12.87 18.45
CA LEU A 240 -6.26 -12.64 18.11
C LEU A 240 -5.34 -12.95 19.31
N GLY A 241 -5.90 -12.76 20.51
CA GLY A 241 -5.05 -12.94 21.77
C GLY A 241 -4.02 -11.78 21.91
N GLY A 242 -2.99 -12.02 22.72
CA GLY A 242 -2.02 -11.00 22.96
C GLY A 242 -2.39 -10.10 24.16
N GLY A 243 -1.39 -9.45 24.70
CA GLY A 243 -1.57 -8.52 25.80
C GLY A 243 -2.25 -9.14 27.02
N TRP A 244 -3.18 -8.34 27.57
CA TRP A 244 -3.79 -8.79 28.81
C TRP A 244 -4.70 -9.98 28.62
N TYR A 245 -5.04 -10.37 27.38
CA TYR A 245 -5.98 -11.46 27.12
C TYR A 245 -5.34 -12.78 27.48
N GLU A 246 -4.02 -12.77 27.60
CA GLU A 246 -3.27 -13.93 27.80
C GLU A 246 -3.34 -14.41 29.24
N ALA A 247 -3.74 -13.52 30.18
CA ALA A 247 -4.08 -13.93 31.57
C ALA A 247 -5.22 -14.93 31.51
N ARG A 248 -5.02 -15.98 32.29
CA ARG A 248 -5.83 -17.16 32.43
C ARG A 248 -5.22 -18.51 32.21
N LYS B 1 -18.94 -10.14 -26.05
CA LYS B 1 -17.93 -11.07 -25.36
C LYS B 1 -16.60 -10.36 -24.99
N PRO B 2 -16.40 -9.99 -23.71
CA PRO B 2 -15.13 -9.28 -23.43
C PRO B 2 -13.85 -10.06 -23.82
N VAL B 3 -12.80 -9.34 -24.21
CA VAL B 3 -11.49 -9.94 -24.43
C VAL B 3 -10.62 -9.57 -23.22
N PRO B 4 -10.39 -10.53 -22.28
CA PRO B 4 -9.51 -10.20 -21.11
C PRO B 4 -8.03 -10.21 -21.42
N THR B 5 -7.26 -9.50 -20.61
CA THR B 5 -5.78 -9.62 -20.67
C THR B 5 -5.33 -10.57 -19.56
N TYR B 6 -4.62 -11.62 -19.93
CA TYR B 6 -4.04 -12.57 -18.97
C TYR B 6 -2.67 -12.07 -18.52
N VAL B 7 -2.49 -11.98 -17.21
CA VAL B 7 -1.30 -11.44 -16.64
C VAL B 7 -0.49 -12.57 -16.01
N GLN B 8 0.82 -12.61 -16.36
CA GLN B 8 1.74 -13.58 -15.79
C GLN B 8 2.65 -12.89 -14.74
N ASP B 9 3.34 -13.70 -13.94
CA ASP B 9 4.18 -13.18 -12.84
C ASP B 9 5.57 -12.96 -13.36
N LYS B 10 5.73 -11.86 -14.05
CA LYS B 10 7.00 -11.52 -14.60
C LYS B 10 7.22 -10.01 -14.64
N ASP B 11 8.49 -9.66 -14.42
CA ASP B 11 8.89 -8.26 -14.36
C ASP B 11 9.17 -7.86 -15.78
N GLU B 12 8.28 -7.14 -16.41
CA GLU B 12 8.57 -6.83 -17.79
C GLU B 12 9.27 -5.46 -18.01
N SER B 13 9.70 -4.83 -16.91
CA SER B 13 10.29 -3.49 -17.04
C SER B 13 11.55 -3.65 -17.93
N THR B 14 11.82 -2.64 -18.76
CA THR B 14 13.13 -2.53 -19.39
C THR B 14 14.02 -1.41 -18.78
N LEU B 15 13.40 -0.40 -18.11
CA LEU B 15 14.21 0.62 -17.45
C LEU B 15 14.54 0.19 -16.03
N MET B 16 15.74 0.48 -15.54
CA MET B 16 16.09 0.06 -14.21
C MET B 16 15.37 0.97 -13.18
N PHE B 17 15.35 2.28 -13.50
CA PHE B 17 14.85 3.28 -12.52
C PHE B 17 13.81 4.21 -13.11
N SER B 18 12.76 4.47 -12.29
CA SER B 18 11.88 5.61 -12.51
C SER B 18 12.24 6.59 -11.40
N VAL B 19 12.82 7.73 -11.79
CA VAL B 19 13.26 8.72 -10.79
C VAL B 19 12.17 9.75 -10.62
N CYS B 20 11.45 9.72 -9.46
CA CYS B 20 10.35 10.66 -9.23
C CYS B 20 10.74 11.70 -8.23
N SER B 21 10.47 12.96 -8.54
CA SER B 21 10.86 14.03 -7.59
C SER B 21 9.62 14.89 -7.30
N LEU B 22 9.63 15.45 -6.10
CA LEU B 22 8.56 16.40 -5.65
C LEU B 22 9.09 17.81 -5.98
N VAL B 23 8.52 18.46 -6.99
CA VAL B 23 9.16 19.66 -7.55
C VAL B 23 8.37 20.94 -7.33
N ARG B 24 9.02 21.95 -6.75
CA ARG B 24 8.46 23.31 -6.71
C ARG B 24 9.36 24.33 -7.38
N ASP B 25 10.70 24.09 -7.42
CA ASP B 25 11.62 25.09 -7.89
C ASP B 25 12.33 24.53 -9.14
N GLN B 26 12.06 25.16 -10.28
CA GLN B 26 12.64 24.66 -11.53
C GLN B 26 14.18 24.62 -11.56
N ALA B 27 14.84 25.62 -11.00
CA ALA B 27 16.31 25.66 -11.04
C ALA B 27 16.88 24.44 -10.26
N LYS B 28 16.28 24.18 -9.10
CA LYS B 28 16.82 23.03 -8.29
C LYS B 28 16.57 21.75 -9.09
N TYR B 29 15.37 21.61 -9.67
CA TYR B 29 15.08 20.31 -10.37
C TYR B 29 15.99 20.17 -11.62
N ASP B 30 16.22 21.28 -12.35
CA ASP B 30 17.15 21.19 -13.54
C ASP B 30 18.54 20.70 -13.13
N ARG B 31 19.01 21.19 -11.96
CA ARG B 31 20.30 20.81 -11.42
C ARG B 31 20.30 19.30 -11.08
N LEU B 32 19.19 18.86 -10.45
CA LEU B 32 19.07 17.45 -10.16
C LEU B 32 19.16 16.59 -11.44
N LEU B 33 18.36 16.96 -12.46
CA LEU B 33 18.31 16.14 -13.68
C LEU B 33 19.68 16.11 -14.38
N GLU B 34 20.31 17.28 -14.42
CA GLU B 34 21.68 17.32 -14.98
C GLU B 34 22.66 16.36 -14.26
N SER B 35 22.57 16.34 -12.95
CA SER B 35 23.51 15.52 -12.15
C SER B 35 23.23 14.05 -12.33
N PHE B 36 21.93 13.64 -12.37
CA PHE B 36 21.62 12.23 -12.53
C PHE B 36 22.12 11.71 -13.90
N GLU B 37 21.91 12.50 -14.97
CA GLU B 37 22.35 12.10 -16.33
C GLU B 37 23.91 12.02 -16.32
N ARG B 38 24.56 12.95 -15.64
CA ARG B 38 26.03 12.96 -15.62
C ARG B 38 26.60 11.69 -14.96
N PHE B 39 25.88 11.19 -13.95
CA PHE B 39 26.36 10.08 -13.13
C PHE B 39 25.61 8.82 -13.53
N GLY B 40 25.20 8.72 -14.80
CA GLY B 40 24.90 7.40 -15.40
C GLY B 40 23.43 7.04 -15.60
N PHE B 41 22.53 7.95 -15.21
CA PHE B 41 21.10 7.73 -15.35
C PHE B 41 20.64 8.23 -16.74
N THR B 42 21.14 7.52 -17.74
CA THR B 42 20.84 7.83 -19.17
C THR B 42 19.49 7.27 -19.58
N PRO B 43 18.94 7.72 -20.73
CA PRO B 43 17.57 7.32 -21.11
C PRO B 43 17.35 5.84 -21.33
N ASP B 44 18.42 5.09 -21.55
CA ASP B 44 18.30 3.64 -21.69
C ASP B 44 18.17 2.98 -20.31
N LYS B 45 18.44 3.76 -19.24
CA LYS B 45 18.47 3.17 -17.90
C LYS B 45 17.41 3.77 -16.97
N ALA B 46 16.97 4.99 -17.29
CA ALA B 46 16.12 5.74 -16.29
C ALA B 46 15.19 6.66 -16.99
N GLU B 47 14.03 6.84 -16.36
CA GLU B 47 13.08 7.91 -16.81
C GLU B 47 12.91 8.82 -15.60
N PHE B 48 12.49 10.04 -15.88
CA PHE B 48 12.29 11.02 -14.79
C PHE B 48 10.86 11.57 -14.83
N LEU B 49 10.23 11.59 -13.65
CA LEU B 49 8.88 12.10 -13.51
C LEU B 49 8.84 13.05 -12.36
N ALA B 50 8.00 14.11 -12.44
CA ALA B 50 7.96 15.09 -11.35
C ALA B 50 6.51 15.24 -10.85
N ALA B 51 6.32 15.18 -9.54
CA ALA B 51 5.01 15.57 -8.94
C ALA B 51 5.06 17.11 -8.98
N ASP B 52 4.15 17.70 -9.77
CA ASP B 52 4.36 19.10 -10.13
C ASP B 52 3.73 20.07 -9.10
N ASN B 53 4.57 20.54 -8.15
CA ASN B 53 4.14 21.56 -7.18
C ASN B 53 4.68 22.94 -7.55
N ARG B 54 4.97 23.16 -8.84
CA ARG B 54 5.52 24.47 -9.25
C ARG B 54 4.54 25.62 -9.07
N GLU B 55 3.25 25.29 -9.21
CA GLU B 55 2.21 26.35 -9.15
C GLU B 55 1.47 26.37 -7.84
N GLY B 56 1.59 25.32 -7.04
CA GLY B 56 0.85 25.23 -5.79
C GLY B 56 1.18 23.89 -5.17
N ASN B 57 0.70 23.73 -3.93
CA ASN B 57 0.89 22.47 -3.18
C ASN B 57 -0.20 21.46 -3.56
N GLN B 58 -0.19 21.10 -4.83
CA GLN B 58 -1.08 20.11 -5.44
C GLN B 58 -0.86 18.73 -4.78
N PHE B 59 0.40 18.39 -4.52
CA PHE B 59 0.73 17.12 -3.85
C PHE B 59 1.34 17.44 -2.48
N HIS B 60 1.41 16.44 -1.59
CA HIS B 60 2.26 16.61 -0.43
C HIS B 60 2.93 15.27 -0.17
N GLY B 61 3.76 15.21 0.87
CA GLY B 61 4.64 14.06 1.08
C GLY B 61 3.93 12.70 1.17
N PHE B 62 2.70 12.74 1.72
CA PHE B 62 1.97 11.49 1.95
C PHE B 62 1.07 11.08 0.79
N SER B 63 0.85 12.00 -0.16
CA SER B 63 -0.01 11.63 -1.31
C SER B 63 0.69 11.41 -2.64
N TRP B 64 1.86 12.04 -2.84
CA TRP B 64 2.36 12.06 -4.21
C TRP B 64 2.63 10.69 -4.81
N HIS B 65 3.05 9.71 -4.01
CA HIS B 65 3.40 8.43 -4.70
C HIS B 65 2.17 7.77 -5.39
N LYS B 66 0.96 8.02 -4.87
CA LYS B 66 -0.23 7.31 -5.42
C LYS B 66 -0.52 7.74 -6.85
N GLN B 67 -0.15 8.98 -7.21
CA GLN B 67 -0.24 9.41 -8.61
C GLN B 67 0.96 9.09 -9.47
N MET B 68 2.15 8.98 -8.83
CA MET B 68 3.35 8.72 -9.57
C MET B 68 3.47 7.24 -9.94
N LEU B 69 3.21 6.35 -8.97
CA LEU B 69 3.53 4.93 -9.21
C LEU B 69 2.84 4.37 -10.53
N PRO B 70 1.56 4.72 -10.78
CA PRO B 70 0.94 4.22 -12.00
C PRO B 70 1.59 4.60 -13.30
N ARG B 71 2.36 5.67 -13.25
CA ARG B 71 3.01 6.20 -14.44
C ARG B 71 4.43 5.67 -14.63
N CYS B 72 4.94 4.96 -13.62
CA CYS B 72 6.34 4.46 -13.65
C CYS B 72 6.42 3.14 -14.41
N LYS B 73 7.50 3.01 -15.12
CA LYS B 73 7.76 1.77 -15.86
C LYS B 73 9.05 1.09 -15.41
N GLY B 74 9.82 1.73 -14.49
CA GLY B 74 11.09 1.16 -14.10
C GLY B 74 11.00 0.05 -13.07
N ARG B 75 12.06 -0.76 -12.99
CA ARG B 75 12.09 -1.81 -11.93
C ARG B 75 12.03 -1.23 -10.49
N TYR B 76 12.83 -0.18 -10.25
CA TYR B 76 12.88 0.47 -8.93
C TYR B 76 12.39 1.87 -9.12
N VAL B 77 11.62 2.30 -8.13
CA VAL B 77 11.11 3.69 -8.16
C VAL B 77 11.78 4.50 -7.05
N ILE B 78 12.46 5.58 -7.45
CA ILE B 78 13.10 6.46 -6.50
C ILE B 78 12.12 7.64 -6.26
N PHE B 79 11.95 8.03 -4.98
CA PHE B 79 11.18 9.19 -4.63
C PHE B 79 12.14 10.12 -3.90
N CYS B 80 12.41 11.26 -4.54
CA CYS B 80 13.38 12.15 -3.92
C CYS B 80 12.95 13.60 -3.95
N HIS B 81 13.52 14.43 -3.06
CA HIS B 81 13.29 15.87 -3.18
C HIS B 81 14.00 16.41 -4.44
N GLU B 82 13.59 17.63 -4.80
CA GLU B 82 14.17 18.33 -5.98
C GLU B 82 15.59 18.84 -5.70
N ASP B 83 15.94 18.91 -4.42
CA ASP B 83 17.24 19.52 -3.99
C ASP B 83 18.25 18.44 -3.58
N VAL B 84 18.19 17.30 -4.24
CA VAL B 84 19.34 16.36 -4.18
C VAL B 84 20.06 16.40 -5.52
N GLU B 85 21.36 16.03 -5.51
CA GLU B 85 22.16 15.99 -6.74
C GLU B 85 23.21 14.89 -6.55
N LEU B 86 23.48 14.18 -7.64
CA LEU B 86 24.55 13.16 -7.58
C LEU B 86 25.86 13.93 -7.79
N VAL B 87 26.89 13.49 -7.07
CA VAL B 87 28.16 14.19 -7.09
C VAL B 87 29.37 13.25 -7.18
N ASP B 88 29.18 11.96 -6.91
CA ASP B 88 30.33 11.01 -7.07
C ASP B 88 29.76 9.62 -7.35
N ARG B 89 28.97 9.11 -6.43
CA ARG B 89 28.35 7.78 -6.65
C ARG B 89 27.22 7.92 -7.68
N GLY B 90 27.11 6.89 -8.55
CA GLY B 90 26.09 6.99 -9.62
C GLY B 90 25.32 5.71 -9.85
N TYR B 91 24.87 5.57 -11.11
CA TYR B 91 23.94 4.48 -11.52
C TYR B 91 24.53 3.13 -11.07
N ASP B 92 25.78 2.80 -11.46
CA ASP B 92 26.26 1.47 -11.15
C ASP B 92 26.37 1.25 -9.65
N ASP B 93 26.74 2.29 -8.91
CA ASP B 93 26.92 2.15 -7.46
C ASP B 93 25.52 1.86 -6.80
N LEU B 94 24.49 2.54 -7.30
CA LEU B 94 23.12 2.33 -6.72
C LEU B 94 22.62 0.96 -7.00
N VAL B 95 22.82 0.53 -8.24
CA VAL B 95 22.38 -0.86 -8.61
C VAL B 95 23.11 -1.88 -7.73
N ALA B 96 24.43 -1.71 -7.55
CA ALA B 96 25.21 -2.66 -6.77
C ALA B 96 24.69 -2.69 -5.33
N ALA B 97 24.37 -1.50 -4.79
CA ALA B 97 23.90 -1.40 -3.39
C ALA B 97 22.52 -2.11 -3.23
N ILE B 98 21.65 -1.92 -4.24
CA ILE B 98 20.28 -2.53 -4.16
C ILE B 98 20.45 -4.05 -4.31
N GLU B 99 21.30 -4.48 -5.25
CA GLU B 99 21.49 -5.94 -5.47
C GLU B 99 22.12 -6.58 -4.24
N ALA B 100 23.02 -5.87 -3.58
CA ALA B 100 23.62 -6.40 -2.33
C ALA B 100 22.54 -6.53 -1.22
N LEU B 101 21.66 -5.49 -1.12
CA LEU B 101 20.65 -5.51 -0.11
C LEU B 101 19.72 -6.69 -0.35
N GLU B 102 19.33 -6.90 -1.61
CA GLU B 102 18.41 -8.01 -1.95
C GLU B 102 19.02 -9.36 -1.49
N GLU B 103 20.35 -9.51 -1.68
CA GLU B 103 21.03 -10.71 -1.21
C GLU B 103 21.09 -10.81 0.32
N ALA B 104 21.34 -9.69 0.99
CA ALA B 104 21.52 -9.66 2.45
C ALA B 104 20.19 -9.88 3.18
N ASP B 105 19.11 -9.26 2.64
CA ASP B 105 17.81 -9.34 3.31
C ASP B 105 16.68 -9.14 2.32
N PRO B 106 16.18 -10.25 1.77
CA PRO B 106 15.10 -10.21 0.76
C PRO B 106 13.83 -9.61 1.31
N LYS B 107 13.72 -9.44 2.65
CA LYS B 107 12.49 -8.83 3.25
C LYS B 107 12.45 -7.33 3.11
N TRP B 108 13.56 -6.72 2.60
CA TRP B 108 13.48 -5.24 2.52
C TRP B 108 12.32 -4.83 1.55
N LEU B 109 11.75 -3.64 1.84
CA LEU B 109 10.75 -3.10 0.95
C LEU B 109 11.07 -1.64 0.58
N VAL B 110 11.74 -0.92 1.50
CA VAL B 110 12.11 0.46 1.15
C VAL B 110 13.55 0.67 1.59
N ALA B 111 14.24 1.49 0.83
CA ALA B 111 15.68 1.82 1.14
C ALA B 111 15.88 3.29 0.97
N GLY B 112 16.78 3.83 1.75
CA GLY B 112 17.12 5.26 1.63
C GLY B 112 18.61 5.47 2.00
N VAL B 113 19.03 6.72 2.07
CA VAL B 113 20.44 7.00 2.29
C VAL B 113 20.72 7.49 3.71
N ALA B 114 19.67 7.78 4.48
CA ALA B 114 19.90 8.30 5.87
C ALA B 114 18.66 7.93 6.70
N GLY B 115 18.87 7.41 7.91
CA GLY B 115 17.67 7.04 8.69
C GLY B 115 18.10 6.74 10.12
N SER B 116 17.20 6.14 10.87
CA SER B 116 17.58 5.76 12.28
C SER B 116 17.53 4.22 12.41
N PRO B 117 18.59 3.58 12.96
CA PRO B 117 18.60 2.14 13.17
C PRO B 117 17.29 1.63 13.82
N TRP B 118 16.92 0.44 13.41
CA TRP B 118 15.68 -0.22 13.88
C TRP B 118 15.76 -0.58 15.38
N ARG B 119 14.73 -0.13 16.07
CA ARG B 119 14.60 -0.44 17.51
C ARG B 119 15.92 -0.22 18.33
N PRO B 120 16.39 1.05 18.42
CA PRO B 120 17.58 1.36 19.23
C PRO B 120 17.33 1.03 20.72
N LEU B 121 18.40 0.55 21.32
CA LEU B 121 18.41 0.23 22.81
C LEU B 121 18.54 1.54 23.58
N ASN B 122 19.33 2.47 23.04
CA ASN B 122 19.68 3.65 23.81
C ASN B 122 18.83 4.85 23.39
N HIS B 123 17.79 5.12 24.16
CA HIS B 123 16.91 6.26 23.91
C HIS B 123 17.33 7.59 24.48
N SER B 124 18.55 7.66 25.02
CA SER B 124 19.05 8.88 25.58
C SER B 124 19.76 9.73 24.56
N VAL B 125 19.91 9.17 23.34
CA VAL B 125 20.51 9.93 22.22
C VAL B 125 19.73 9.48 20.97
N THR B 126 19.70 10.33 19.96
CA THR B 126 18.98 9.96 18.69
C THR B 126 19.86 9.04 17.83
N ALA B 127 19.37 7.85 17.50
CA ALA B 127 20.13 6.89 16.71
C ALA B 127 20.10 7.38 15.24
N GLN B 128 21.29 7.40 14.62
CA GLN B 128 21.36 7.76 13.23
C GLN B 128 22.30 6.84 12.44
N ALA B 129 21.96 6.60 11.16
CA ALA B 129 22.79 5.78 10.27
C ALA B 129 22.70 6.45 8.89
N LEU B 130 23.81 6.99 8.43
CA LEU B 130 23.71 7.73 7.16
C LEU B 130 25.10 7.93 6.54
N HIS B 131 25.07 8.30 5.26
CA HIS B 131 26.34 8.77 4.62
C HIS B 131 25.83 9.72 3.55
N ILE B 132 26.25 10.97 3.67
CA ILE B 132 25.66 12.00 2.79
C ILE B 132 26.54 13.25 2.87
N SER B 133 26.29 14.17 1.93
CA SER B 133 26.79 15.55 2.07
C SER B 133 25.56 16.45 2.20
N ASP B 134 25.49 17.22 3.26
CA ASP B 134 24.26 18.03 3.47
C ASP B 134 24.66 19.25 4.29
N VAL B 135 23.64 19.94 4.81
CA VAL B 135 23.90 21.18 5.51
C VAL B 135 24.83 20.99 6.73
N PHE B 136 24.83 19.76 7.29
CA PHE B 136 25.63 19.45 8.51
C PHE B 136 27.06 19.01 8.19
N GLY B 137 27.43 18.92 6.91
CA GLY B 137 28.79 18.62 6.52
C GLY B 137 28.88 17.87 5.20
N ASN B 138 30.01 18.04 4.53
CA ASN B 138 30.31 17.29 3.29
C ASN B 138 30.90 15.92 3.65
N ASP B 139 30.51 14.88 2.90
CA ASP B 139 31.09 13.53 3.07
C ASP B 139 31.10 13.13 4.54
N ARG B 140 29.91 13.18 5.14
CA ARG B 140 29.80 12.80 6.57
C ARG B 140 29.06 11.50 6.76
N ARG B 141 29.29 10.87 7.93
CA ARG B 141 28.64 9.59 8.24
C ARG B 141 28.17 9.66 9.70
N ARG B 142 27.11 8.91 9.91
CA ARG B 142 26.73 8.47 11.28
C ARG B 142 26.44 7.02 11.25
N GLY B 143 26.85 6.31 12.31
CA GLY B 143 26.50 4.90 12.34
C GLY B 143 27.19 4.12 11.21
N ASN B 144 26.60 2.96 10.90
CA ASN B 144 27.21 2.11 9.87
C ASN B 144 26.15 1.69 8.87
N VAL B 145 26.31 2.09 7.62
CA VAL B 145 25.35 1.67 6.59
C VAL B 145 26.07 0.65 5.69
N PRO B 146 25.36 -0.33 5.12
CA PRO B 146 23.90 -0.48 5.18
C PRO B 146 23.43 -1.06 6.50
N CYS B 147 22.20 -0.67 6.90
CA CYS B 147 21.65 -1.27 8.10
C CYS B 147 20.12 -1.13 8.11
N ARG B 148 19.48 -2.01 8.87
CA ARG B 148 18.02 -1.89 9.00
C ARG B 148 17.65 -0.64 9.81
N VAL B 149 16.56 0.00 9.40
CA VAL B 149 16.14 1.24 10.09
C VAL B 149 14.66 1.21 10.37
N GLU B 150 14.26 2.09 11.30
CA GLU B 150 12.81 2.28 11.59
C GLU B 150 12.23 3.57 11.02
N SER B 151 13.11 4.37 10.39
CA SER B 151 12.69 5.58 9.70
C SER B 151 13.78 5.96 8.69
N LEU B 152 13.37 6.76 7.70
CA LEU B 152 14.34 7.24 6.67
C LEU B 152 14.06 8.67 6.45
N ASP B 153 15.14 9.40 6.17
CA ASP B 153 15.05 10.80 5.72
C ASP B 153 14.35 10.86 4.35
N GLU B 154 13.45 11.81 4.20
CA GLU B 154 12.64 11.90 2.97
C GLU B 154 13.39 12.38 1.74
N CYS B 155 14.65 12.81 1.89
CA CYS B 155 15.30 13.43 0.70
C CYS B 155 15.50 12.44 -0.47
N PHE B 156 15.60 11.14 -0.15
CA PHE B 156 15.80 10.12 -1.20
C PHE B 156 15.50 8.74 -0.64
N LEU B 157 14.50 8.14 -1.26
CA LEU B 157 14.19 6.74 -0.89
C LEU B 157 13.69 5.99 -2.09
N LEU B 158 13.65 4.67 -1.97
CA LEU B 158 13.28 3.88 -3.16
C LEU B 158 12.57 2.59 -2.76
N MET B 159 11.79 2.04 -3.71
CA MET B 159 11.12 0.75 -3.48
C MET B 159 11.10 0.08 -4.86
N ARG B 160 10.78 -1.20 -4.82
CA ARG B 160 10.51 -1.95 -6.06
C ARG B 160 9.12 -1.53 -6.61
N ARG B 161 9.00 -1.26 -7.92
CA ARG B 161 7.69 -0.87 -8.47
C ARG B 161 6.65 -1.96 -8.19
N LEU B 162 7.09 -3.23 -8.34
CA LEU B 162 6.17 -4.39 -8.15
C LEU B 162 6.02 -4.84 -6.70
N LYS B 163 6.71 -4.19 -5.74
CA LYS B 163 6.52 -4.52 -4.30
C LYS B 163 6.48 -3.18 -3.55
N PRO B 164 5.46 -2.35 -3.86
CA PRO B 164 5.42 -1.05 -3.25
C PRO B 164 4.97 -1.08 -1.77
N VAL B 165 5.16 0.08 -1.13
CA VAL B 165 4.58 0.38 0.17
C VAL B 165 3.93 1.73 0.05
N LEU B 166 2.77 1.90 0.70
CA LEU B 166 2.04 3.18 0.60
C LEU B 166 2.15 4.00 1.89
N ASN B 167 2.15 5.32 1.72
CA ASN B 167 2.01 6.26 2.83
C ASN B 167 0.51 6.35 3.25
N SER B 168 0.32 6.71 4.50
CA SER B 168 -1.03 6.88 5.07
C SER B 168 -1.86 7.91 4.31
N TYR B 169 -3.19 7.76 4.45
CA TYR B 169 -4.11 8.74 3.93
C TYR B 169 -4.51 9.78 4.95
N ASP B 170 -4.34 9.51 6.22
CA ASP B 170 -4.87 10.39 7.26
C ASP B 170 -3.80 11.35 7.86
N MET B 171 -2.76 11.60 7.09
CA MET B 171 -1.84 12.71 7.41
C MET B 171 -1.49 13.45 6.15
N GLN B 172 -1.27 14.76 6.27
CA GLN B 172 -0.92 15.54 5.05
C GLN B 172 0.12 16.55 5.41
N GLY B 173 1.08 16.74 4.49
CA GLY B 173 2.10 17.73 4.74
C GLY B 173 3.45 17.28 4.24
N PHE B 174 4.48 17.92 4.82
CA PHE B 174 5.83 17.77 4.24
C PHE B 174 6.87 17.38 5.30
N HIS B 175 6.39 16.67 6.32
CA HIS B 175 7.31 16.07 7.34
C HIS B 175 6.77 14.68 7.67
N TYR B 176 7.71 13.84 8.09
CA TYR B 176 7.43 12.49 8.69
C TYR B 176 6.88 11.44 7.70
N TYR B 177 6.83 11.80 6.38
CA TYR B 177 6.38 10.78 5.42
C TYR B 177 7.45 9.66 5.16
N GLY B 178 8.70 9.91 5.63
CA GLY B 178 9.77 8.86 5.51
C GLY B 178 9.46 7.84 6.65
N ALA B 179 9.26 8.33 7.88
CA ALA B 179 8.95 7.43 9.01
C ALA B 179 7.64 6.70 8.76
N ASP B 180 6.61 7.43 8.27
CA ASP B 180 5.32 6.77 8.03
C ASP B 180 5.48 5.63 7.02
N LEU B 181 6.25 5.84 5.96
CA LEU B 181 6.43 4.77 4.95
C LEU B 181 7.14 3.55 5.59
N CYS B 182 8.14 3.80 6.46
CA CYS B 182 8.82 2.64 7.08
C CYS B 182 7.90 1.88 8.03
N LEU B 183 7.04 2.61 8.78
CA LEU B 183 6.13 1.93 9.72
C LEU B 183 5.06 1.08 8.94
N GLN B 184 4.59 1.61 7.80
CA GLN B 184 3.60 0.87 7.01
C GLN B 184 4.34 -0.38 6.42
N ALA B 185 5.66 -0.21 6.05
CA ALA B 185 6.40 -1.38 5.59
C ALA B 185 6.41 -2.51 6.68
N GLU B 186 6.56 -2.12 7.95
CA GLU B 186 6.53 -3.11 9.04
C GLU B 186 5.11 -3.74 9.08
N PHE B 187 4.09 -2.93 8.98
CA PHE B 187 2.71 -3.49 8.98
C PHE B 187 2.48 -4.49 7.89
N LEU B 188 3.08 -4.22 6.73
CA LEU B 188 3.02 -5.16 5.60
C LEU B 188 3.99 -6.36 5.69
N GLY B 189 4.79 -6.46 6.76
CA GLY B 189 5.65 -7.65 6.97
C GLY B 189 6.97 -7.51 6.27
N GLY B 190 7.41 -6.29 5.88
CA GLY B 190 8.72 -6.04 5.32
C GLY B 190 9.54 -5.05 6.16
N ARG B 191 10.65 -4.64 5.53
CA ARG B 191 11.71 -3.93 6.30
C ARG B 191 12.22 -2.74 5.50
N ALA B 192 12.81 -1.83 6.28
CA ALA B 192 13.42 -0.60 5.69
C ALA B 192 14.90 -0.61 6.02
N TYR B 193 15.67 -0.13 5.04
CA TYR B 193 17.13 -0.05 5.23
C TYR B 193 17.67 1.28 4.80
N ALA B 194 18.75 1.71 5.49
CA ALA B 194 19.59 2.81 4.98
C ALA B 194 20.71 2.08 4.26
N ILE B 195 20.93 2.43 3.01
CA ILE B 195 22.03 1.83 2.25
C ILE B 195 23.14 2.88 2.12
N ASP B 196 24.31 2.43 1.63
CA ASP B 196 25.44 3.39 1.46
C ASP B 196 25.40 3.88 0.02
N PHE B 197 24.87 5.09 -0.17
CA PHE B 197 24.80 5.69 -1.52
C PHE B 197 24.92 7.18 -1.37
N HIS B 198 26.18 7.66 -1.40
CA HIS B 198 26.48 9.01 -1.09
C HIS B 198 26.03 9.98 -2.22
N LEU B 199 25.22 10.94 -1.78
CA LEU B 199 24.81 12.04 -2.68
C LEU B 199 24.83 13.36 -1.90
N HIS B 200 24.49 14.46 -2.59
CA HIS B 200 24.45 15.77 -1.95
C HIS B 200 22.98 16.20 -1.78
N HIS B 201 22.59 16.49 -0.56
CA HIS B 201 21.23 17.03 -0.30
C HIS B 201 21.39 18.44 0.24
N TYR B 202 20.93 19.45 -0.50
CA TYR B 202 21.22 20.77 -0.06
C TYR B 202 20.06 21.49 0.63
N GLY B 203 19.02 20.78 1.00
CA GLY B 203 17.97 21.43 1.76
C GLY B 203 18.46 22.07 3.05
N ARG B 204 17.83 23.15 3.45
CA ARG B 204 17.98 23.43 4.85
C ARG B 204 17.13 22.89 5.95
N ALA B 205 17.69 22.77 7.13
CA ALA B 205 16.74 22.44 8.07
C ALA B 205 15.64 23.33 8.49
N ILE B 206 15.30 24.31 7.59
CA ILE B 206 14.46 25.51 7.94
C ILE B 206 13.15 25.11 8.66
N ALA B 207 13.05 25.55 9.92
CA ALA B 207 11.95 25.19 10.80
C ALA B 207 10.59 25.74 10.33
N ASP B 208 9.53 24.93 10.47
CA ASP B 208 8.12 25.34 10.34
C ASP B 208 7.24 24.77 11.47
N GLU B 209 6.09 25.42 11.70
CA GLU B 209 5.09 24.93 12.65
C GLU B 209 4.54 23.54 12.21
N ASN B 210 4.60 23.21 10.91
CA ASN B 210 4.01 21.93 10.48
C ASN B 210 4.82 20.77 10.98
N PHE B 211 6.09 21.01 11.23
CA PHE B 211 6.95 19.94 11.78
C PHE B 211 6.40 19.51 13.15
N HIS B 212 6.18 20.43 14.07
CA HIS B 212 5.54 20.07 15.37
C HIS B 212 4.13 19.48 15.27
N ARG B 213 3.31 20.03 14.37
CA ARG B 213 1.97 19.50 14.11
C ARG B 213 2.06 18.01 13.68
N LEU B 214 2.91 17.75 12.69
CA LEU B 214 2.98 16.32 12.19
C LEU B 214 3.64 15.44 13.22
N ARG B 215 4.59 15.98 13.99
CA ARG B 215 5.17 15.14 15.09
C ARG B 215 4.06 14.68 16.04
N GLN B 216 3.20 15.60 16.48
CA GLN B 216 2.07 15.22 17.34
C GLN B 216 1.10 14.28 16.64
N GLU B 217 0.79 14.54 15.37
CA GLU B 217 -0.13 13.65 14.67
C GLU B 217 0.45 12.24 14.57
N MET B 218 1.75 12.17 14.27
CA MET B 218 2.43 10.85 14.14
C MET B 218 2.31 10.11 15.49
N ALA B 219 2.53 10.81 16.63
CA ALA B 219 2.45 10.16 17.97
C ALA B 219 1.01 9.71 18.20
N GLN B 220 0.03 10.58 17.93
CA GLN B 220 -1.39 10.22 18.17
C GLN B 220 -1.86 8.99 17.35
N LYS B 221 -1.37 8.92 16.10
CA LYS B 221 -1.69 7.82 15.19
C LYS B 221 -1.00 6.52 15.63
N TYR B 222 0.33 6.58 15.75
CA TYR B 222 1.10 5.32 15.97
C TYR B 222 1.12 4.81 17.37
N ARG B 223 0.85 5.70 18.36
CA ARG B 223 0.77 5.20 19.76
C ARG B 223 -0.31 4.09 19.88
N ARG B 224 -1.29 4.09 18.97
CA ARG B 224 -2.44 3.12 19.02
C ARG B 224 -1.89 1.69 18.84
N TRP B 225 -0.81 1.57 18.08
CA TRP B 225 -0.32 0.24 17.68
C TRP B 225 1.08 -0.05 18.24
N PHE B 226 1.81 1.02 18.54
CA PHE B 226 3.13 0.91 19.14
C PHE B 226 3.19 1.60 20.50
N PRO B 227 2.33 1.22 21.46
CA PRO B 227 2.33 1.96 22.74
C PRO B 227 3.68 1.90 23.48
N GLY B 228 4.15 3.06 23.97
CA GLY B 228 5.35 3.11 24.77
C GLY B 228 6.64 3.30 23.89
N ARG B 229 6.50 3.10 22.57
CA ARG B 229 7.72 3.10 21.71
C ARG B 229 8.29 4.54 21.65
N ILE B 230 9.62 4.59 21.58
CA ILE B 230 10.29 5.87 21.24
C ILE B 230 10.81 5.64 19.83
N LEU B 231 10.25 6.43 18.93
CA LEU B 231 10.56 6.26 17.48
C LEU B 231 11.69 7.25 17.16
N HIS B 232 12.82 6.73 16.68
CA HIS B 232 13.92 7.59 16.29
C HIS B 232 13.85 8.00 14.79
N CYS B 233 14.08 9.29 14.50
CA CYS B 233 14.22 9.83 13.14
C CYS B 233 15.47 10.67 13.20
N VAL B 234 16.11 10.86 12.04
CA VAL B 234 17.35 11.72 12.01
C VAL B 234 17.02 13.16 12.54
N THR B 235 15.75 13.58 12.50
CA THR B 235 15.32 14.88 13.03
C THR B 235 15.07 14.88 14.53
N GLY B 236 15.20 13.70 15.17
CA GLY B 236 14.98 13.62 16.65
C GLY B 236 14.07 12.44 17.03
N ARG B 237 14.11 12.09 18.31
CA ARG B 237 13.26 11.02 18.86
C ARG B 237 11.86 11.54 19.09
N VAL B 238 10.92 10.62 18.98
CA VAL B 238 9.50 10.96 19.20
C VAL B 238 8.94 9.88 20.16
N ALA B 239 8.61 10.26 21.40
CA ALA B 239 8.05 9.27 22.32
C ALA B 239 6.61 9.23 21.92
N LEU B 240 6.17 8.06 21.47
CA LEU B 240 4.79 7.96 21.02
C LEU B 240 3.78 8.02 22.19
N GLY B 241 4.20 7.53 23.33
CA GLY B 241 3.27 7.42 24.51
C GLY B 241 2.30 6.30 24.32
N GLY B 242 1.20 6.38 25.09
CA GLY B 242 0.23 5.31 25.03
C GLY B 242 0.49 4.13 25.98
N GLY B 243 -0.56 3.38 26.27
CA GLY B 243 -0.45 2.14 27.12
C GLY B 243 0.11 2.46 28.49
N TRP B 244 1.04 1.59 28.91
CA TRP B 244 1.54 1.73 30.26
C TRP B 244 2.43 2.93 30.44
N TYR B 245 2.90 3.54 29.35
CA TYR B 245 3.77 4.66 29.39
C TYR B 245 3.06 5.84 29.96
N GLU B 246 1.72 5.78 30.01
CA GLU B 246 0.95 6.93 30.43
C GLU B 246 0.98 7.06 31.94
N ALA B 247 1.28 5.94 32.63
CA ALA B 247 1.49 6.01 34.09
C ALA B 247 2.53 7.05 34.42
N ARG B 248 2.17 7.93 35.35
CA ARG B 248 3.14 8.95 35.81
C ARG B 248 3.91 8.47 37.12
#